data_6S3I
#
_entry.id   6S3I
#
_cell.length_a   61.195
_cell.length_b   61.195
_cell.length_c   260.358
_cell.angle_alpha   90.00
_cell.angle_beta   90.00
_cell.angle_gamma   90.00
#
_symmetry.space_group_name_H-M   'P 41 21 2'
#
loop_
_entity.id
_entity.type
_entity.pdbx_description
1 polymer 'PIF1 helicase'
2 polymer "DNA (5'-D(P*TP*TP*TP*TP*T)-3')"
3 non-polymer "ADENOSINE-5'-DIPHOSPHATE"
4 non-polymer 'MAGNESIUM ION'
5 non-polymer TETRAFLUOROMAGNESATE(2-)
6 water water
#
loop_
_entity_poly.entity_id
_entity_poly.type
_entity_poly.pdbx_seq_one_letter_code
_entity_poly.pdbx_strand_id
1 'polypeptide(L)'
;TPEGLSSEQQRAFLAVTQTPHPAHLITGPAGTGKTTLLYALQEFYKGRAVTLAPTGTAALQARGQTVHSFFRFPARLLRY
RHPEDIRPPGPHSPLRKAIEQMEVLILDEVGMVRVDLLEAMDWALRKTRKRLEEPFGGVKVLLLGDTRQLEPVVPGGEEA
LYIARTWGGPFFFQAHVWEEVALRVHRLWESQRQREDPLFAELLKRLRQGDPQALETLNRAAVRPDGGEEPGTLILTPRR
KEADALNLKRLEALPGKPLEYQAQVKGEFAETDFPTEAALTLKKGAQVILLRNDPLGEYFNGDLGWVEDLEAEALAVRLK
RNGRRVVIRPFVWEKIVYTYDSEREEIKPQVVGTFRQVPVRLAWALTVHKAQGLTLDKVHLELGRGLFAHGQLYVALTRV
RRLQDLSLSRPIAPTELLWRPEVEVFETRIQEGIWQKSHGWPSL
;
A
2 'polydeoxyribonucleotide' (DT)(DT)(DT)(DT)(DT)(DT)(DT)(DT)(DT)(DT)(DT)(DT)(DT)(DT) C
#
loop_
_chem_comp.id
_chem_comp.type
_chem_comp.name
_chem_comp.formula
ADP non-polymer ADENOSINE-5'-DIPHOSPHATE 'C10 H15 N5 O10 P2'
DT DNA linking THYMIDINE-5'-MONOPHOSPHATE 'C10 H15 N2 O8 P'
MF4 non-polymer TETRAFLUOROMAGNESATE(2-) 'F4 Mg -2'
MG non-polymer 'MAGNESIUM ION' 'Mg 2'
#
# COMPACT_ATOMS: atom_id res chain seq x y z
N LEU A 5 14.58 -19.45 -0.93
CA LEU A 5 15.92 -19.97 -1.06
C LEU A 5 16.71 -19.73 0.22
N SER A 6 16.48 -18.59 0.86
CA SER A 6 17.22 -18.26 2.06
C SER A 6 16.86 -19.22 3.19
N SER A 7 17.72 -19.24 4.22
CA SER A 7 17.50 -20.15 5.35
C SER A 7 16.28 -19.74 6.15
N GLU A 8 16.24 -18.47 6.57
CA GLU A 8 15.11 -17.99 7.35
C GLU A 8 13.85 -17.92 6.49
N GLN A 9 14.00 -17.75 5.17
CA GLN A 9 12.87 -17.90 4.27
C GLN A 9 12.36 -19.34 4.27
N GLN A 10 13.29 -20.30 4.15
CA GLN A 10 12.88 -21.71 4.12
C GLN A 10 12.31 -22.15 5.46
N ARG A 11 12.85 -21.64 6.57
CA ARG A 11 12.27 -21.99 7.87
C ARG A 11 10.95 -21.28 8.12
N ALA A 12 10.74 -20.12 7.51
CA ALA A 12 9.44 -19.45 7.64
C ALA A 12 8.41 -20.08 6.72
N PHE A 13 8.84 -20.58 5.57
CA PHE A 13 7.95 -21.35 4.70
C PHE A 13 7.42 -22.58 5.43
N LEU A 14 8.30 -23.29 6.12
CA LEU A 14 7.91 -24.53 6.79
C LEU A 14 7.04 -24.26 7.99
N ALA A 15 7.41 -23.29 8.83
CA ALA A 15 6.62 -23.02 10.04
C ALA A 15 5.20 -22.57 9.69
N VAL A 16 4.93 -22.27 8.43
CA VAL A 16 3.65 -21.75 8.00
C VAL A 16 2.85 -22.79 7.24
N THR A 17 3.52 -23.63 6.45
CA THR A 17 2.84 -24.70 5.72
C THR A 17 2.69 -25.98 6.53
N GLN A 18 3.58 -26.24 7.48
CA GLN A 18 3.62 -27.51 8.20
C GLN A 18 2.79 -27.51 9.48
N THR A 19 2.01 -26.46 9.72
CA THR A 19 1.18 -26.40 10.91
C THR A 19 -0.17 -25.87 10.44
N PRO A 20 -1.27 -26.46 10.87
CA PRO A 20 -2.59 -26.01 10.41
C PRO A 20 -3.17 -24.86 11.22
N HIS A 21 -2.35 -24.21 12.03
CA HIS A 21 -2.81 -23.05 12.76
C HIS A 21 -2.99 -21.89 11.80
N PRO A 22 -4.17 -21.29 11.72
CA PRO A 22 -4.35 -20.06 10.94
C PRO A 22 -3.66 -18.89 11.62
N ALA A 23 -3.76 -17.69 11.06
CA ALA A 23 -3.24 -16.50 11.72
C ALA A 23 -1.74 -16.60 12.00
N HIS A 24 -0.97 -16.67 10.91
CA HIS A 24 0.47 -16.46 10.98
C HIS A 24 0.85 -15.06 10.49
N LEU A 25 1.99 -14.58 10.98
CA LEU A 25 2.58 -13.31 10.54
C LEU A 25 4.05 -13.56 10.25
N ILE A 26 4.49 -13.24 9.03
CA ILE A 26 5.90 -13.32 8.68
C ILE A 26 6.39 -11.88 8.49
N THR A 27 7.01 -11.32 9.52
CA THR A 27 7.45 -9.94 9.51
C THR A 27 8.98 -9.87 9.44
N GLY A 28 9.48 -8.64 9.35
CA GLY A 28 10.90 -8.40 9.24
C GLY A 28 11.19 -7.10 8.52
N PRO A 29 12.46 -6.66 8.56
CA PRO A 29 12.81 -5.37 7.95
C PRO A 29 12.66 -5.37 6.44
N ALA A 30 12.87 -4.21 5.81
CA ALA A 30 12.61 -4.08 4.38
C ALA A 30 13.69 -4.79 3.58
N GLY A 31 13.26 -5.52 2.56
CA GLY A 31 14.14 -6.24 1.67
C GLY A 31 14.61 -7.58 2.18
N THR A 32 14.03 -8.08 3.28
CA THR A 32 14.42 -9.37 3.85
C THR A 32 13.85 -10.55 3.07
N GLY A 33 12.94 -10.32 2.13
CA GLY A 33 12.40 -11.38 1.32
C GLY A 33 10.99 -11.84 1.65
N LYS A 34 10.18 -10.99 2.28
CA LYS A 34 8.82 -11.41 2.61
C LYS A 34 8.02 -11.71 1.35
N THR A 35 7.95 -10.74 0.43
CA THR A 35 7.16 -10.91 -0.79
C THR A 35 7.73 -12.01 -1.68
N THR A 36 9.04 -12.25 -1.63
CA THR A 36 9.61 -13.36 -2.38
C THR A 36 9.18 -14.69 -1.79
N LEU A 37 9.12 -14.79 -0.46
CA LEU A 37 8.59 -15.99 0.17
C LEU A 37 7.12 -16.20 -0.20
N LEU A 38 6.38 -15.09 -0.35
CA LEU A 38 4.99 -15.17 -0.78
C LEU A 38 4.89 -15.85 -2.15
N TYR A 39 5.82 -15.55 -3.06
CA TYR A 39 5.79 -16.21 -4.36
C TYR A 39 5.93 -17.72 -4.20
N ALA A 40 6.64 -18.15 -3.16
CA ALA A 40 6.80 -19.58 -2.88
C ALA A 40 5.56 -20.17 -2.24
N LEU A 41 4.93 -19.42 -1.34
CA LEU A 41 3.64 -19.84 -0.78
C LEU A 41 2.58 -19.92 -1.86
N GLN A 42 2.67 -19.07 -2.90
CA GLN A 42 1.72 -19.15 -4.01
C GLN A 42 1.92 -20.42 -4.81
N GLU A 43 3.18 -20.82 -5.02
CA GLU A 43 3.44 -22.08 -5.73
C GLU A 43 3.03 -23.28 -4.89
N PHE A 44 3.19 -23.19 -3.58
CA PHE A 44 2.74 -24.28 -2.71
C PHE A 44 1.23 -24.36 -2.69
N TYR A 45 0.55 -23.25 -2.41
CA TYR A 45 -0.91 -23.22 -2.37
C TYR A 45 -1.48 -22.80 -3.73
N LYS A 46 -1.15 -23.56 -4.78
CA LYS A 46 -1.68 -23.20 -6.09
C LYS A 46 -3.20 -23.31 -6.06
N GLY A 47 -3.89 -22.26 -6.48
CA GLY A 47 -5.31 -22.35 -6.78
C GLY A 47 -6.16 -22.40 -5.53
N ARG A 48 -5.54 -22.83 -4.43
CA ARG A 48 -6.16 -22.90 -3.12
C ARG A 48 -6.15 -21.56 -2.42
N ALA A 49 -5.33 -20.63 -2.87
CA ALA A 49 -5.03 -19.40 -2.15
C ALA A 49 -5.32 -18.17 -2.99
N VAL A 50 -5.73 -17.10 -2.32
CA VAL A 50 -5.87 -15.78 -2.92
C VAL A 50 -4.85 -14.86 -2.26
N THR A 51 -4.17 -14.06 -3.07
CA THR A 51 -3.16 -13.11 -2.59
C THR A 51 -3.72 -11.71 -2.68
N LEU A 52 -3.73 -11.00 -1.54
CA LEU A 52 -4.25 -9.64 -1.48
C LEU A 52 -3.19 -8.71 -0.91
N ALA A 53 -3.43 -7.41 -1.09
CA ALA A 53 -2.58 -6.38 -0.50
C ALA A 53 -3.41 -5.11 -0.35
N PRO A 54 -3.04 -4.22 0.56
CA PRO A 54 -3.84 -3.00 0.75
C PRO A 54 -3.73 -2.01 -0.39
N THR A 55 -2.59 -1.94 -1.07
CA THR A 55 -2.36 -0.96 -2.12
C THR A 55 -2.29 -1.63 -3.49
N GLY A 56 -2.53 -0.84 -4.53
CA GLY A 56 -2.47 -1.36 -5.89
C GLY A 56 -1.05 -1.72 -6.32
N THR A 57 -0.08 -0.91 -5.93
CA THR A 57 1.31 -1.20 -6.26
C THR A 57 1.80 -2.44 -5.50
N ALA A 58 1.42 -2.56 -4.23
CA ALA A 58 1.81 -3.74 -3.46
C ALA A 58 1.08 -4.97 -3.95
N ALA A 59 -0.16 -4.82 -4.41
CA ALA A 59 -0.91 -5.97 -4.92
C ALA A 59 -0.29 -6.52 -6.20
N LEU A 60 0.11 -5.64 -7.13
CA LEU A 60 0.74 -6.11 -8.36
C LEU A 60 2.10 -6.73 -8.08
N GLN A 61 2.85 -6.17 -7.13
CA GLN A 61 4.15 -6.71 -6.76
C GLN A 61 4.02 -8.11 -6.19
N ALA A 62 2.92 -8.39 -5.51
CA ALA A 62 2.67 -9.70 -4.91
C ALA A 62 1.89 -10.62 -5.83
N ARG A 63 1.65 -10.21 -7.08
CA ARG A 63 0.90 -11.01 -8.05
C ARG A 63 -0.50 -11.33 -7.52
N GLY A 64 -1.18 -10.31 -7.02
CA GLY A 64 -2.54 -10.44 -6.49
C GLY A 64 -3.36 -9.20 -6.80
N GLN A 65 -4.33 -8.91 -5.94
CA GLN A 65 -5.19 -7.73 -6.10
C GLN A 65 -5.41 -7.07 -4.75
N THR A 66 -5.95 -5.86 -4.76
CA THR A 66 -6.20 -5.16 -3.51
C THR A 66 -7.30 -5.86 -2.72
N VAL A 67 -7.34 -5.61 -1.41
CA VAL A 67 -8.38 -6.21 -0.59
C VAL A 67 -9.75 -5.67 -1.00
N HIS A 68 -9.84 -4.37 -1.27
CA HIS A 68 -11.14 -3.81 -1.62
C HIS A 68 -11.67 -4.40 -2.92
N SER A 69 -10.79 -4.58 -3.91
CA SER A 69 -11.23 -5.07 -5.21
C SER A 69 -11.65 -6.53 -5.17
N PHE A 70 -11.20 -7.29 -4.18
CA PHE A 70 -11.60 -8.69 -4.08
C PHE A 70 -12.96 -8.80 -3.40
N PHE A 71 -13.07 -8.28 -2.17
CA PHE A 71 -14.31 -8.29 -1.42
C PHE A 71 -15.32 -7.26 -1.90
N ARG A 72 -14.95 -6.39 -2.83
CA ARG A 72 -15.77 -5.24 -3.19
C ARG A 72 -16.19 -4.47 -1.94
N PHE A 73 -15.19 -3.98 -1.23
CA PHE A 73 -15.48 -3.06 -0.15
C PHE A 73 -15.53 -1.63 -0.69
N PRO A 74 -16.43 -0.79 -0.18
CA PRO A 74 -16.36 0.62 -0.55
C PRO A 74 -15.08 1.25 -0.03
N ALA A 75 -14.66 2.32 -0.70
CA ALA A 75 -13.43 3.04 -0.33
C ALA A 75 -13.75 4.10 0.73
N ARG A 76 -14.17 3.60 1.90
CA ARG A 76 -14.52 4.46 3.02
C ARG A 76 -14.36 3.64 4.31
N LEU A 77 -14.81 4.19 5.43
CA LEU A 77 -14.74 3.48 6.70
C LEU A 77 -15.69 2.30 6.67
N LEU A 78 -15.13 1.09 6.82
CA LEU A 78 -15.92 -0.12 6.97
C LEU A 78 -16.31 -0.24 8.43
N ARG A 79 -17.51 0.20 8.77
CA ARG A 79 -17.97 0.15 10.15
C ARG A 79 -18.00 -1.30 10.64
N TYR A 80 -17.85 -1.46 11.95
CA TYR A 80 -17.66 -2.78 12.52
C TYR A 80 -18.84 -3.67 12.14
N ARG A 81 -18.58 -4.69 11.33
CA ARG A 81 -19.59 -5.71 11.01
C ARG A 81 -20.85 -5.10 10.41
N HIS A 82 -20.75 -3.93 9.77
CA HIS A 82 -21.92 -3.17 9.39
C HIS A 82 -22.42 -3.63 8.02
N PRO A 83 -23.65 -4.16 7.92
CA PRO A 83 -24.13 -4.67 6.63
C PRO A 83 -24.30 -3.62 5.55
N GLU A 84 -24.20 -2.33 5.86
CA GLU A 84 -24.26 -1.32 4.80
C GLU A 84 -22.91 -1.15 4.10
N ASP A 85 -21.81 -1.32 4.83
CA ASP A 85 -20.47 -1.22 4.26
C ASP A 85 -19.95 -2.58 3.82
N ILE A 86 -19.93 -3.54 4.74
CA ILE A 86 -19.44 -4.88 4.48
C ILE A 86 -20.63 -5.74 4.07
N ARG A 87 -20.62 -6.24 2.83
CA ARG A 87 -21.76 -6.98 2.35
C ARG A 87 -21.31 -8.27 1.64
N PRO A 88 -21.87 -9.43 2.03
CA PRO A 88 -21.46 -10.68 1.37
C PRO A 88 -21.95 -10.75 -0.06
N PRO A 89 -21.29 -11.54 -0.91
CA PRO A 89 -21.66 -11.59 -2.32
C PRO A 89 -22.94 -12.38 -2.55
N GLY A 90 -23.34 -12.53 -3.81
CA GLY A 90 -24.61 -13.11 -4.15
C GLY A 90 -24.60 -14.62 -4.06
N PRO A 91 -25.80 -15.22 -4.01
CA PRO A 91 -25.89 -16.67 -3.74
C PRO A 91 -25.19 -17.53 -4.77
N HIS A 92 -25.11 -17.08 -6.02
CA HIS A 92 -24.41 -17.84 -7.06
C HIS A 92 -23.48 -16.95 -7.87
N SER A 93 -22.93 -15.90 -7.24
CA SER A 93 -21.95 -15.05 -7.88
C SER A 93 -20.59 -15.76 -7.91
N PRO A 94 -19.73 -15.44 -8.88
CA PRO A 94 -18.42 -16.09 -8.93
C PRO A 94 -17.52 -15.71 -7.78
N LEU A 95 -17.78 -14.56 -7.14
CA LEU A 95 -17.03 -14.21 -5.93
C LEU A 95 -17.34 -15.20 -4.80
N ARG A 96 -18.63 -15.40 -4.51
CA ARG A 96 -19.03 -16.38 -3.51
C ARG A 96 -18.32 -17.72 -3.73
N LYS A 97 -18.33 -18.22 -4.97
CA LYS A 97 -17.73 -19.51 -5.24
C LYS A 97 -16.22 -19.50 -5.11
N ALA A 98 -15.61 -18.33 -4.91
CA ALA A 98 -14.18 -18.24 -4.65
C ALA A 98 -13.87 -18.24 -3.16
N ILE A 99 -14.66 -17.49 -2.37
CA ILE A 99 -14.47 -17.49 -0.92
C ILE A 99 -14.75 -18.87 -0.35
N GLU A 100 -15.76 -19.56 -0.88
CA GLU A 100 -16.17 -20.81 -0.26
C GLU A 100 -15.12 -21.90 -0.45
N GLN A 101 -14.56 -22.00 -1.66
CA GLN A 101 -13.58 -23.04 -1.94
C GLN A 101 -12.17 -22.70 -1.46
N MET A 102 -11.86 -21.42 -1.29
CA MET A 102 -10.51 -21.05 -0.87
C MET A 102 -10.23 -21.53 0.55
N GLU A 103 -8.95 -21.72 0.85
CA GLU A 103 -8.51 -22.13 2.17
C GLU A 103 -7.37 -21.29 2.72
N VAL A 104 -6.67 -20.53 1.90
CA VAL A 104 -5.59 -19.66 2.35
C VAL A 104 -5.80 -18.27 1.79
N LEU A 105 -5.62 -17.27 2.63
CA LEU A 105 -5.61 -15.87 2.23
C LEU A 105 -4.24 -15.29 2.58
N ILE A 106 -3.44 -15.01 1.56
CA ILE A 106 -2.13 -14.39 1.72
C ILE A 106 -2.33 -12.87 1.65
N LEU A 107 -1.99 -12.16 2.72
CA LEU A 107 -2.16 -10.72 2.78
C LEU A 107 -0.79 -10.07 2.99
N ASP A 108 -0.25 -9.49 1.92
CA ASP A 108 1.07 -8.85 1.96
C ASP A 108 0.93 -7.38 2.36
N GLU A 109 2.05 -6.81 2.80
CA GLU A 109 2.10 -5.44 3.32
C GLU A 109 1.02 -5.25 4.38
N VAL A 110 1.05 -6.11 5.40
CA VAL A 110 0.01 -6.07 6.42
C VAL A 110 0.06 -4.80 7.24
N GLY A 111 1.20 -4.10 7.23
CA GLY A 111 1.36 -2.92 8.06
C GLY A 111 0.48 -1.76 7.62
N MET A 112 0.23 -1.65 6.32
CA MET A 112 -0.62 -0.59 5.79
C MET A 112 -2.09 -0.97 5.80
N VAL A 113 -2.43 -2.09 6.45
CA VAL A 113 -3.79 -2.61 6.46
C VAL A 113 -4.49 -2.00 7.66
N ARG A 114 -5.41 -1.08 7.41
CA ARG A 114 -6.12 -0.41 8.49
C ARG A 114 -7.00 -1.40 9.23
N VAL A 115 -7.21 -1.13 10.53
CA VAL A 115 -7.87 -2.10 11.38
C VAL A 115 -9.28 -2.40 10.87
N ASP A 116 -9.94 -1.42 10.27
CA ASP A 116 -11.30 -1.65 9.79
C ASP A 116 -11.31 -2.49 8.52
N LEU A 117 -10.22 -2.45 7.73
CA LEU A 117 -10.13 -3.33 6.58
C LEU A 117 -9.92 -4.78 7.02
N LEU A 118 -9.02 -5.02 7.98
CA LEU A 118 -8.82 -6.37 8.47
C LEU A 118 -10.08 -6.92 9.13
N GLU A 119 -10.69 -6.13 10.02
CA GLU A 119 -11.89 -6.58 10.71
C GLU A 119 -13.04 -6.82 9.74
N ALA A 120 -13.00 -6.17 8.57
CA ALA A 120 -14.02 -6.42 7.55
C ALA A 120 -13.73 -7.71 6.79
N MET A 121 -12.44 -8.00 6.54
CA MET A 121 -12.08 -9.28 5.93
C MET A 121 -12.50 -10.46 6.82
N ASP A 122 -12.38 -10.29 8.14
CA ASP A 122 -12.79 -11.33 9.05
C ASP A 122 -14.28 -11.60 8.93
N TRP A 123 -15.09 -10.56 9.13
CA TRP A 123 -16.53 -10.72 9.09
C TRP A 123 -17.00 -11.17 7.72
N ALA A 124 -16.45 -10.58 6.65
CA ALA A 124 -16.86 -10.95 5.31
C ALA A 124 -16.61 -12.43 5.04
N LEU A 125 -15.52 -12.98 5.57
CA LEU A 125 -15.21 -14.39 5.41
C LEU A 125 -16.08 -15.26 6.31
N ARG A 126 -16.51 -14.72 7.46
CA ARG A 126 -17.41 -15.46 8.33
C ARG A 126 -18.80 -15.57 7.72
N LYS A 127 -19.33 -14.47 7.15
CA LYS A 127 -20.71 -14.50 6.68
C LYS A 127 -20.86 -15.31 5.40
N THR A 128 -19.88 -15.24 4.50
CA THR A 128 -20.00 -15.92 3.21
C THR A 128 -19.90 -17.43 3.37
N ARG A 129 -18.95 -17.90 4.18
CA ARG A 129 -18.83 -19.32 4.47
C ARG A 129 -19.77 -19.77 5.58
N LYS A 130 -20.53 -18.83 6.15
CA LYS A 130 -21.52 -19.09 7.21
C LYS A 130 -20.93 -19.76 8.43
N ARG A 131 -19.61 -19.64 8.64
CA ARG A 131 -18.99 -20.01 9.91
C ARG A 131 -18.81 -18.74 10.75
N LEU A 132 -19.91 -18.26 11.33
CA LEU A 132 -19.83 -17.05 12.13
C LEU A 132 -19.14 -17.27 13.46
N GLU A 133 -18.77 -18.51 13.78
CA GLU A 133 -18.16 -18.85 15.06
C GLU A 133 -16.64 -18.85 15.00
N GLU A 134 -16.05 -18.78 13.81
CA GLU A 134 -14.64 -19.09 13.62
C GLU A 134 -13.93 -17.94 12.91
N PRO A 135 -12.76 -17.52 13.40
CA PRO A 135 -12.09 -16.36 12.80
C PRO A 135 -11.76 -16.57 11.32
N PHE A 136 -12.01 -15.53 10.54
CA PHE A 136 -11.76 -15.53 9.10
C PHE A 136 -12.52 -16.64 8.39
N GLY A 137 -13.59 -17.14 9.03
CA GLY A 137 -14.42 -18.15 8.41
C GLY A 137 -13.77 -19.49 8.20
N GLY A 138 -12.67 -19.77 8.88
CA GLY A 138 -11.94 -20.99 8.69
C GLY A 138 -10.82 -20.91 7.68
N VAL A 139 -10.57 -19.73 7.13
CA VAL A 139 -9.47 -19.54 6.19
C VAL A 139 -8.18 -19.36 6.98
N LYS A 140 -7.12 -20.02 6.52
CA LYS A 140 -5.78 -19.88 7.08
C LYS A 140 -5.11 -18.65 6.47
N VAL A 141 -5.05 -17.57 7.23
CA VAL A 141 -4.53 -16.31 6.71
C VAL A 141 -3.05 -16.21 7.00
N LEU A 142 -2.27 -15.77 6.01
CA LEU A 142 -0.83 -15.61 6.11
C LEU A 142 -0.50 -14.14 5.92
N LEU A 143 -0.14 -13.46 7.00
CA LEU A 143 0.17 -12.03 6.96
C LEU A 143 1.67 -11.82 6.75
N LEU A 144 2.01 -10.87 5.88
CA LEU A 144 3.40 -10.46 5.69
C LEU A 144 3.47 -8.95 5.63
N GLY A 145 4.53 -8.39 6.20
CA GLY A 145 4.69 -6.96 6.22
C GLY A 145 5.59 -6.53 7.36
N ASP A 146 5.59 -5.23 7.60
CA ASP A 146 6.47 -4.60 8.59
C ASP A 146 5.73 -3.44 9.22
N THR A 147 5.78 -3.35 10.54
CA THR A 147 5.06 -2.30 11.24
C THR A 147 5.86 -1.02 11.39
N ARG A 148 7.17 -1.06 11.15
CA ARG A 148 8.01 0.14 11.14
C ARG A 148 8.01 0.81 9.77
N GLN A 149 7.39 0.21 8.77
CA GLN A 149 7.11 0.84 7.49
C GLN A 149 5.77 1.57 7.64
N LEU A 150 5.20 2.03 6.53
CA LEU A 150 4.17 3.05 6.61
C LEU A 150 2.96 2.57 7.38
N GLU A 151 2.39 3.48 8.18
CA GLU A 151 1.16 3.25 8.93
C GLU A 151 -0.06 3.36 8.02
N PRO A 152 -1.19 2.79 8.44
CA PRO A 152 -2.43 2.97 7.68
C PRO A 152 -2.89 4.43 7.68
N VAL A 153 -3.62 4.79 6.62
CA VAL A 153 -4.03 6.17 6.39
C VAL A 153 -5.40 6.38 7.04
N VAL A 154 -5.56 7.48 7.80
CA VAL A 154 -6.80 7.82 8.48
C VAL A 154 -7.22 9.24 8.09
N PRO A 155 -8.37 9.45 7.46
CA PRO A 155 -8.78 10.82 7.12
C PRO A 155 -9.45 11.50 8.30
N GLY A 156 -9.33 12.82 8.34
CA GLY A 156 -9.62 13.59 9.54
C GLY A 156 -11.07 13.78 9.88
N GLY A 157 -11.95 12.97 9.31
CA GLY A 157 -13.37 13.07 9.60
C GLY A 157 -13.72 12.47 10.94
N GLU A 158 -15.01 12.14 11.08
CA GLU A 158 -15.45 11.34 12.21
C GLU A 158 -14.97 9.91 12.12
N GLU A 159 -14.31 9.54 11.02
CA GLU A 159 -13.74 8.21 10.90
C GLU A 159 -12.68 7.99 11.96
N ALA A 160 -11.82 8.99 12.16
CA ALA A 160 -10.78 8.88 13.18
C ALA A 160 -11.36 8.79 14.59
N LEU A 161 -12.54 9.39 14.80
CA LEU A 161 -13.21 9.23 16.08
C LEU A 161 -13.90 7.87 16.18
N TYR A 162 -14.39 7.33 15.06
CA TYR A 162 -14.96 5.99 15.07
C TYR A 162 -13.89 4.94 15.33
N ILE A 163 -12.70 5.11 14.74
CA ILE A 163 -11.65 4.14 14.93
C ILE A 163 -11.11 4.20 16.36
N ALA A 164 -11.07 5.40 16.94
CA ALA A 164 -10.43 5.59 18.23
C ALA A 164 -11.30 5.15 19.41
N ARG A 165 -12.58 4.87 19.18
CA ARG A 165 -13.44 4.34 20.24
C ARG A 165 -13.85 2.90 20.01
N THR A 166 -13.78 2.41 18.77
CA THR A 166 -14.08 1.00 18.52
C THR A 166 -12.83 0.12 18.54
N TRP A 167 -11.67 0.66 18.22
CA TRP A 167 -10.45 -0.14 18.25
C TRP A 167 -9.36 0.54 19.06
N GLY A 168 -9.40 1.86 19.15
CA GLY A 168 -8.40 2.62 19.85
C GLY A 168 -7.15 2.89 19.04
N GLY A 169 -7.11 2.44 17.80
CA GLY A 169 -5.96 2.61 16.94
C GLY A 169 -6.24 2.09 15.55
N PRO A 170 -5.47 2.54 14.55
CA PRO A 170 -5.71 2.10 13.17
C PRO A 170 -4.94 0.87 12.74
N PHE A 171 -4.02 0.35 13.54
CA PHE A 171 -3.16 -0.74 13.09
C PHE A 171 -3.90 -2.08 13.11
N PHE A 172 -3.41 -3.00 12.28
CA PHE A 172 -4.11 -4.26 12.08
C PHE A 172 -4.11 -5.12 13.33
N PHE A 173 -3.12 -4.95 14.22
CA PHE A 173 -3.07 -5.76 15.44
C PHE A 173 -4.03 -5.27 16.52
N GLN A 174 -4.76 -4.19 16.26
CA GLN A 174 -5.79 -3.70 17.17
C GLN A 174 -7.16 -4.24 16.83
N ALA A 175 -7.25 -5.10 15.82
CA ALA A 175 -8.53 -5.69 15.45
C ALA A 175 -8.96 -6.69 16.50
N HIS A 176 -10.27 -6.70 16.79
CA HIS A 176 -10.82 -7.56 17.82
C HIS A 176 -10.74 -9.04 17.48
N VAL A 177 -10.36 -9.39 16.25
CA VAL A 177 -10.27 -10.80 15.90
C VAL A 177 -9.15 -11.48 16.68
N TRP A 178 -8.12 -10.72 17.07
CA TRP A 178 -6.98 -11.29 17.76
C TRP A 178 -7.25 -11.62 19.22
N GLU A 179 -8.48 -11.44 19.68
CA GLU A 179 -8.90 -11.94 20.98
C GLU A 179 -9.50 -13.34 20.88
N GLU A 180 -9.77 -13.80 19.66
CA GLU A 180 -10.32 -15.13 19.42
C GLU A 180 -9.30 -16.09 18.83
N VAL A 181 -8.35 -15.58 18.05
CA VAL A 181 -7.26 -16.38 17.49
C VAL A 181 -5.94 -15.71 17.83
N ALA A 182 -4.96 -16.50 18.24
CA ALA A 182 -3.61 -16.00 18.46
C ALA A 182 -2.84 -15.95 17.14
N LEU A 183 -2.05 -14.90 16.97
CA LEU A 183 -1.28 -14.69 15.75
C LEU A 183 0.15 -15.20 15.97
N ARG A 184 0.59 -16.11 15.13
CA ARG A 184 1.94 -16.67 15.23
C ARG A 184 2.91 -15.85 14.39
N VAL A 185 4.00 -15.40 15.02
CA VAL A 185 4.91 -14.43 14.43
C VAL A 185 6.22 -15.13 14.08
N HIS A 186 6.55 -15.12 12.79
CA HIS A 186 7.83 -15.61 12.29
C HIS A 186 8.63 -14.42 11.77
N ARG A 187 9.95 -14.45 11.98
CA ARG A 187 10.78 -13.28 11.78
C ARG A 187 11.88 -13.55 10.75
N LEU A 188 12.11 -12.55 9.90
CA LEU A 188 13.22 -12.54 8.97
C LEU A 188 14.15 -11.39 9.34
N TRP A 189 15.46 -11.66 9.36
CA TRP A 189 16.43 -10.64 9.69
C TRP A 189 17.37 -10.30 8.54
N GLU A 190 18.00 -11.30 7.92
CA GLU A 190 19.06 -11.02 6.96
C GLU A 190 18.48 -10.45 5.67
N SER A 191 18.97 -9.29 5.28
CA SER A 191 18.43 -8.56 4.13
C SER A 191 18.93 -9.15 2.82
N GLN A 192 18.01 -9.27 1.87
CA GLN A 192 18.32 -9.80 0.54
C GLN A 192 18.34 -8.74 -0.54
N ARG A 193 17.52 -7.69 -0.42
CA ARG A 193 17.56 -6.61 -1.39
C ARG A 193 18.92 -5.93 -1.39
N GLN A 194 19.50 -5.72 -0.21
CA GLN A 194 20.77 -5.02 -0.07
C GLN A 194 21.90 -5.98 0.25
N ARG A 195 21.79 -7.23 -0.19
CA ARG A 195 22.83 -8.22 0.10
C ARG A 195 24.16 -7.85 -0.56
N GLU A 196 24.17 -6.94 -1.54
CA GLU A 196 25.40 -6.54 -2.19
C GLU A 196 26.14 -5.45 -1.42
N ASP A 197 25.41 -4.62 -0.68
CA ASP A 197 26.00 -3.51 0.09
C ASP A 197 25.70 -3.79 1.55
N PRO A 198 26.55 -4.62 2.19
CA PRO A 198 26.28 -4.95 3.60
C PRO A 198 26.22 -3.76 4.54
N LEU A 199 27.10 -2.77 4.36
CA LEU A 199 27.08 -1.62 5.27
C LEU A 199 25.87 -0.73 5.01
N PHE A 200 25.40 -0.64 3.77
CA PHE A 200 24.12 -0.01 3.51
C PHE A 200 23.01 -0.75 4.24
N ALA A 201 23.06 -2.08 4.22
CA ALA A 201 22.02 -2.87 4.87
C ALA A 201 22.01 -2.64 6.39
N GLU A 202 23.20 -2.51 7.00
CA GLU A 202 23.26 -2.31 8.45
C GLU A 202 23.11 -0.85 8.84
N LEU A 203 23.45 0.09 7.95
CA LEU A 203 23.01 1.46 8.15
C LEU A 203 21.49 1.52 8.23
N LEU A 204 20.81 0.79 7.35
CA LEU A 204 19.34 0.77 7.33
C LEU A 204 18.77 0.00 8.51
N LYS A 205 19.51 -0.97 9.04
CA LYS A 205 19.08 -1.68 10.23
C LYS A 205 19.02 -0.73 11.43
N ARG A 206 20.05 0.09 11.60
CA ARG A 206 20.07 1.00 12.74
C ARG A 206 19.15 2.19 12.52
N LEU A 207 18.88 2.56 11.27
CA LEU A 207 17.93 3.61 10.98
C LEU A 207 16.50 3.23 11.35
N ARG A 208 16.13 1.94 11.21
CA ARG A 208 14.75 1.56 11.45
C ARG A 208 14.41 1.60 12.94
N GLN A 209 15.40 1.46 13.81
CA GLN A 209 15.25 1.77 15.23
C GLN A 209 15.51 3.24 15.53
N GLY A 210 15.93 4.02 14.53
CA GLY A 210 16.08 5.45 14.70
C GLY A 210 17.38 5.92 15.29
N ASP A 211 18.47 5.19 15.05
CA ASP A 211 19.77 5.57 15.58
C ASP A 211 20.16 6.94 15.04
N PRO A 212 20.25 7.97 15.89
CA PRO A 212 20.51 9.32 15.36
C PRO A 212 21.90 9.46 14.75
N GLN A 213 22.93 8.80 15.32
CA GLN A 213 24.24 8.86 14.70
C GLN A 213 24.28 8.08 13.40
N ALA A 214 23.47 7.01 13.30
CA ALA A 214 23.33 6.33 12.02
C ALA A 214 22.60 7.16 10.98
N LEU A 215 22.07 8.33 11.34
CA LEU A 215 21.42 9.21 10.37
C LEU A 215 22.34 10.30 9.86
N GLU A 216 23.17 10.90 10.72
CA GLU A 216 24.16 11.85 10.22
C GLU A 216 25.12 11.15 9.26
N THR A 217 25.38 9.86 9.47
CA THR A 217 26.12 9.10 8.48
C THR A 217 25.43 9.15 7.13
N LEU A 218 24.10 9.12 7.13
CA LEU A 218 23.34 9.10 5.89
C LEU A 218 23.38 10.45 5.19
N ASN A 219 23.26 11.54 5.94
CA ASN A 219 23.12 12.86 5.34
C ASN A 219 24.39 13.29 4.62
N ARG A 220 25.54 12.83 5.09
CA ARG A 220 26.80 13.14 4.43
C ARG A 220 27.18 12.13 3.36
N ALA A 221 26.54 10.96 3.35
CA ALA A 221 26.83 9.95 2.35
C ALA A 221 26.02 10.16 1.08
N ALA A 222 24.71 10.43 1.20
CA ALA A 222 23.80 10.28 0.07
C ALA A 222 22.99 11.54 -0.18
N VAL A 223 23.63 12.70 -0.15
CA VAL A 223 22.98 13.97 -0.47
C VAL A 223 23.55 14.46 -1.80
N ARG A 224 22.74 14.38 -2.84
CA ARG A 224 23.09 14.87 -4.18
C ARG A 224 21.85 15.52 -4.75
N PRO A 225 21.62 16.80 -4.43
CA PRO A 225 20.39 17.47 -4.92
C PRO A 225 20.28 17.44 -6.42
N ASP A 226 21.40 17.29 -7.13
CA ASP A 226 21.42 17.10 -8.57
C ASP A 226 21.03 15.69 -8.98
N GLY A 227 20.54 14.89 -8.03
CA GLY A 227 20.22 13.49 -8.23
C GLY A 227 18.98 13.22 -9.04
N GLY A 228 18.30 14.27 -9.49
CA GLY A 228 16.99 14.13 -10.09
C GLY A 228 16.96 13.96 -11.60
N GLU A 229 18.10 13.99 -12.29
CA GLU A 229 18.10 13.86 -13.74
C GLU A 229 19.08 12.84 -14.32
N GLU A 230 19.93 12.21 -13.49
CA GLU A 230 20.66 11.04 -13.95
C GLU A 230 19.70 10.01 -14.52
N PRO A 231 19.80 9.64 -15.81
CA PRO A 231 18.76 8.79 -16.41
C PRO A 231 18.64 7.46 -15.69
N GLY A 232 17.40 6.98 -15.60
CA GLY A 232 17.08 5.77 -14.84
C GLY A 232 16.68 6.01 -13.40
N THR A 233 16.47 7.26 -13.00
CA THR A 233 16.16 7.60 -11.62
C THR A 233 14.65 7.72 -11.41
N LEU A 234 14.18 7.20 -10.27
CA LEU A 234 12.79 7.31 -9.85
C LEU A 234 12.77 8.22 -8.63
N ILE A 235 11.97 9.29 -8.69
CA ILE A 235 11.95 10.31 -7.65
C ILE A 235 10.82 10.00 -6.68
N LEU A 236 11.19 9.81 -5.41
CA LEU A 236 10.24 9.60 -4.33
C LEU A 236 10.00 10.91 -3.60
N THR A 237 8.73 11.21 -3.31
CA THR A 237 8.40 12.45 -2.62
C THR A 237 7.21 12.21 -1.71
N PRO A 238 7.15 12.86 -0.54
CA PRO A 238 6.08 12.56 0.42
C PRO A 238 4.68 12.91 -0.06
N ARG A 239 4.51 14.13 -0.56
CA ARG A 239 3.18 14.68 -0.83
C ARG A 239 2.88 14.62 -2.32
N ARG A 240 1.59 14.51 -2.64
CA ARG A 240 1.19 14.28 -4.02
C ARG A 240 1.44 15.51 -4.89
N LYS A 241 1.04 16.69 -4.41
CA LYS A 241 1.19 17.89 -5.22
C LYS A 241 2.67 18.18 -5.46
N GLU A 242 3.54 17.84 -4.52
CA GLU A 242 4.97 17.96 -4.76
C GLU A 242 5.40 17.08 -5.94
N ALA A 243 4.86 15.86 -6.02
CA ALA A 243 5.15 15.00 -7.17
C ALA A 243 4.59 15.57 -8.47
N ASP A 244 3.48 16.29 -8.40
CA ASP A 244 2.92 16.91 -9.60
C ASP A 244 3.92 17.89 -10.20
N ALA A 245 4.49 18.75 -9.36
CA ALA A 245 5.42 19.75 -9.84
C ALA A 245 6.64 19.11 -10.47
N LEU A 246 7.26 18.15 -9.78
CA LEU A 246 8.43 17.49 -10.33
C LEU A 246 8.07 16.73 -11.61
N ASN A 247 6.88 16.14 -11.66
CA ASN A 247 6.47 15.42 -12.86
C ASN A 247 6.42 16.34 -14.07
N LEU A 248 5.90 17.55 -13.89
CA LEU A 248 5.71 18.46 -15.01
C LEU A 248 7.03 19.02 -15.51
N LYS A 249 8.00 19.26 -14.61
CA LYS A 249 9.29 19.77 -15.03
C LYS A 249 10.01 18.76 -15.91
N ARG A 250 9.92 17.46 -15.57
CA ARG A 250 10.45 16.43 -16.47
C ARG A 250 9.60 16.30 -17.72
N LEU A 251 8.32 16.63 -17.63
CA LEU A 251 7.40 16.49 -18.76
C LEU A 251 7.68 17.53 -19.85
N GLU A 252 8.11 18.73 -19.46
CA GLU A 252 8.36 19.78 -20.43
C GLU A 252 9.58 19.52 -21.28
N ALA A 253 10.35 18.48 -20.96
CA ALA A 253 11.56 18.12 -21.69
C ALA A 253 11.30 17.06 -22.76
N LEU A 254 10.09 16.98 -23.29
CA LEU A 254 9.75 15.99 -24.32
C LEU A 254 9.19 16.70 -25.55
N PRO A 255 9.57 16.26 -26.77
CA PRO A 255 9.19 16.97 -27.99
C PRO A 255 7.85 16.52 -28.58
N GLY A 256 6.79 16.57 -27.76
CA GLY A 256 5.48 16.14 -28.20
C GLY A 256 4.44 17.20 -27.89
N LYS A 257 3.33 17.12 -28.63
CA LYS A 257 2.21 18.03 -28.38
C LYS A 257 1.57 17.65 -27.06
N PRO A 258 1.29 18.60 -26.17
CA PRO A 258 0.61 18.25 -24.91
C PRO A 258 -0.89 18.33 -25.02
N LEU A 259 -1.55 17.45 -24.27
CA LEU A 259 -3.00 17.43 -24.13
C LEU A 259 -3.36 17.75 -22.69
N GLU A 260 -4.39 18.58 -22.51
CA GLU A 260 -4.82 19.03 -21.20
C GLU A 260 -6.14 18.34 -20.89
N TYR A 261 -6.11 17.36 -19.99
CA TYR A 261 -7.30 16.62 -19.59
C TYR A 261 -7.91 17.33 -18.38
N GLN A 262 -8.70 18.36 -18.67
CA GLN A 262 -9.38 19.10 -17.61
C GLN A 262 -10.42 18.21 -16.94
N ALA A 263 -10.42 18.20 -15.61
CA ALA A 263 -11.36 17.42 -14.82
C ALA A 263 -12.66 18.18 -14.61
N GLN A 264 -13.77 17.45 -14.59
CA GLN A 264 -15.08 18.02 -14.31
C GLN A 264 -15.36 17.75 -12.84
N VAL A 265 -14.89 18.67 -11.99
CA VAL A 265 -15.09 18.57 -10.54
C VAL A 265 -16.42 19.20 -10.20
N LYS A 266 -17.04 18.72 -9.12
CA LYS A 266 -18.42 19.08 -8.84
C LYS A 266 -18.73 18.81 -7.38
N GLY A 267 -19.64 19.62 -6.82
CA GLY A 267 -19.98 19.59 -5.41
C GLY A 267 -18.85 20.15 -4.54
N GLU A 268 -18.84 19.71 -3.29
CA GLU A 268 -17.81 20.14 -2.34
C GLU A 268 -16.69 19.09 -2.38
N PHE A 269 -15.80 19.28 -3.35
CA PHE A 269 -14.63 18.42 -3.51
C PHE A 269 -13.38 19.26 -3.32
N ALA A 270 -12.66 19.03 -2.22
CA ALA A 270 -11.47 19.81 -1.90
C ALA A 270 -10.35 19.50 -2.88
N GLU A 271 -9.44 20.47 -3.03
CA GLU A 271 -8.29 20.29 -3.91
C GLU A 271 -7.23 19.40 -3.26
N THR A 272 -7.15 19.39 -1.93
CA THR A 272 -6.16 18.54 -1.26
C THR A 272 -6.50 17.07 -1.38
N ASP A 273 -7.78 16.74 -1.65
CA ASP A 273 -8.21 15.37 -1.86
C ASP A 273 -8.18 14.96 -3.33
N PHE A 274 -7.54 15.73 -4.20
CA PHE A 274 -7.52 15.41 -5.62
C PHE A 274 -6.72 14.13 -5.86
N PRO A 275 -7.32 13.08 -6.42
CA PRO A 275 -6.54 11.87 -6.69
C PRO A 275 -5.44 12.10 -7.72
N THR A 276 -5.77 12.71 -8.85
CA THR A 276 -4.79 13.13 -9.84
C THR A 276 -4.87 14.64 -10.01
N GLU A 277 -4.04 15.17 -10.91
CA GLU A 277 -4.10 16.58 -11.24
C GLU A 277 -5.46 16.90 -11.86
N ALA A 278 -5.92 18.13 -11.63
CA ALA A 278 -7.15 18.61 -12.27
C ALA A 278 -6.92 18.93 -13.75
N ALA A 279 -5.82 19.62 -14.06
CA ALA A 279 -5.53 20.00 -15.44
C ALA A 279 -4.77 18.92 -16.20
N LEU A 280 -3.77 18.30 -15.58
CA LEU A 280 -3.27 16.99 -16.03
C LEU A 280 -2.78 17.04 -17.49
N THR A 281 -1.74 17.80 -17.72
CA THR A 281 -1.15 17.84 -19.06
C THR A 281 -0.25 16.63 -19.29
N LEU A 282 -0.41 16.00 -20.48
CA LEU A 282 0.23 14.75 -20.83
C LEU A 282 0.74 14.80 -22.26
N LYS A 283 1.91 14.22 -22.52
CA LYS A 283 2.47 14.18 -23.86
C LYS A 283 2.46 12.76 -24.42
N LYS A 284 2.96 12.62 -25.65
CA LYS A 284 2.85 11.37 -26.40
C LYS A 284 3.77 10.28 -25.89
N GLY A 285 4.67 10.56 -24.94
CA GLY A 285 5.58 9.55 -24.44
C GLY A 285 5.80 9.58 -22.94
N ALA A 286 4.95 10.32 -22.23
CA ALA A 286 5.16 10.52 -20.80
C ALA A 286 5.08 9.19 -20.06
N GLN A 287 5.76 9.12 -18.92
CA GLN A 287 5.69 7.96 -18.03
C GLN A 287 4.57 8.20 -17.03
N VAL A 288 3.52 7.37 -17.11
CA VAL A 288 2.33 7.52 -16.28
C VAL A 288 2.19 6.29 -15.39
N ILE A 289 1.30 6.41 -14.41
CA ILE A 289 0.85 5.29 -13.60
C ILE A 289 -0.66 5.35 -13.52
N LEU A 290 -1.31 4.19 -13.61
CA LEU A 290 -2.77 4.14 -13.66
C LEU A 290 -3.33 4.04 -12.25
N LEU A 291 -4.47 4.71 -12.04
CA LEU A 291 -5.01 4.93 -10.71
C LEU A 291 -6.29 4.17 -10.43
N ARG A 292 -6.86 3.48 -11.41
CA ARG A 292 -8.09 2.74 -11.21
C ARG A 292 -8.04 1.42 -11.95
N ASN A 293 -8.79 0.45 -11.43
CA ASN A 293 -8.83 -0.89 -11.99
C ASN A 293 -9.73 -0.93 -13.21
N ASP A 294 -9.39 -1.81 -14.15
CA ASP A 294 -10.23 -2.00 -15.32
C ASP A 294 -11.38 -2.94 -14.98
N PRO A 295 -12.64 -2.53 -15.20
CA PRO A 295 -13.76 -3.48 -14.99
C PRO A 295 -13.65 -4.74 -15.84
N LEU A 296 -12.71 -4.79 -16.80
CA LEU A 296 -12.50 -5.98 -17.61
C LEU A 296 -11.17 -6.69 -17.33
N GLY A 297 -10.25 -6.04 -16.61
CA GLY A 297 -9.10 -6.71 -16.03
C GLY A 297 -7.79 -6.63 -16.77
N GLU A 298 -7.69 -5.82 -17.83
CA GLU A 298 -6.42 -5.73 -18.55
C GLU A 298 -5.44 -4.76 -17.90
N TYR A 299 -5.93 -3.85 -17.05
CA TYR A 299 -5.05 -2.95 -16.32
C TYR A 299 -5.59 -2.79 -14.90
N PHE A 300 -4.71 -2.33 -14.00
CA PHE A 300 -5.02 -2.26 -12.59
C PHE A 300 -4.43 -1.00 -11.97
N ASN A 301 -4.92 -0.68 -10.78
CA ASN A 301 -4.37 0.44 -10.02
C ASN A 301 -2.93 0.13 -9.64
N GLY A 302 -2.05 1.11 -9.81
CA GLY A 302 -0.63 0.92 -9.59
C GLY A 302 0.15 0.44 -10.79
N ASP A 303 -0.43 0.49 -11.99
CA ASP A 303 0.21 0.00 -13.19
C ASP A 303 1.04 1.10 -13.82
N LEU A 304 2.35 0.89 -13.89
CA LEU A 304 3.23 1.87 -14.54
C LEU A 304 3.24 1.65 -16.05
N GLY A 305 3.29 2.75 -16.80
CA GLY A 305 3.29 2.66 -18.25
C GLY A 305 3.75 3.96 -18.88
N TRP A 306 3.63 4.00 -20.22
CA TRP A 306 3.99 5.16 -21.02
C TRP A 306 2.90 5.41 -22.05
N VAL A 307 2.56 6.69 -22.26
CA VAL A 307 1.56 7.04 -23.25
C VAL A 307 2.05 6.68 -24.64
N GLU A 308 1.15 6.15 -25.48
CA GLU A 308 1.43 5.98 -26.90
C GLU A 308 0.57 6.87 -27.78
N ASP A 309 -0.74 6.81 -27.63
CA ASP A 309 -1.68 7.69 -28.33
C ASP A 309 -2.60 8.31 -27.29
N LEU A 310 -2.85 9.60 -27.42
CA LEU A 310 -3.78 10.29 -26.55
C LEU A 310 -4.74 11.14 -27.36
N GLU A 311 -5.99 11.19 -26.92
CA GLU A 311 -7.08 11.80 -27.67
C GLU A 311 -7.97 12.55 -26.68
N ALA A 312 -9.14 12.97 -27.16
CA ALA A 312 -9.95 13.93 -26.40
C ALA A 312 -10.33 13.39 -25.03
N GLU A 313 -11.09 12.28 -25.01
CA GLU A 313 -11.54 11.70 -23.75
C GLU A 313 -10.99 10.29 -23.54
N ALA A 314 -9.80 10.01 -24.07
CA ALA A 314 -9.19 8.70 -23.90
C ALA A 314 -7.73 8.79 -24.29
N LEU A 315 -6.98 7.75 -23.91
CA LEU A 315 -5.57 7.66 -24.27
C LEU A 315 -5.15 6.20 -24.11
N ALA A 316 -4.06 5.85 -24.78
CA ALA A 316 -3.53 4.50 -24.75
C ALA A 316 -2.21 4.49 -23.98
N VAL A 317 -1.97 3.40 -23.27
CA VAL A 317 -0.79 3.26 -22.42
C VAL A 317 -0.17 1.89 -22.65
N ARG A 318 1.15 1.84 -22.80
CA ARG A 318 1.89 0.59 -22.78
C ARG A 318 2.23 0.26 -21.33
N LEU A 319 1.68 -0.84 -20.83
CA LEU A 319 1.97 -1.24 -19.46
C LEU A 319 3.35 -1.85 -19.37
N LYS A 320 4.02 -1.64 -18.24
CA LYS A 320 5.37 -2.15 -18.08
C LYS A 320 5.35 -3.61 -17.66
N ARG A 321 4.31 -4.06 -16.96
CA ARG A 321 4.30 -5.45 -16.52
C ARG A 321 4.38 -6.40 -17.70
N ASN A 322 3.38 -6.34 -18.57
CA ASN A 322 3.19 -7.34 -19.62
C ASN A 322 3.53 -6.82 -21.01
N GLY A 323 3.90 -5.55 -21.13
CA GLY A 323 4.26 -5.00 -22.43
C GLY A 323 3.11 -4.92 -23.40
N ARG A 324 1.90 -4.72 -22.90
CA ARG A 324 0.69 -4.72 -23.71
C ARG A 324 0.03 -3.35 -23.59
N ARG A 325 -0.81 -3.04 -24.59
CA ARG A 325 -1.41 -1.72 -24.72
C ARG A 325 -2.83 -1.76 -24.19
N VAL A 326 -3.19 -0.75 -23.39
CA VAL A 326 -4.53 -0.59 -22.86
C VAL A 326 -4.99 0.83 -23.20
N VAL A 327 -6.31 0.99 -23.27
CA VAL A 327 -6.93 2.30 -23.47
C VAL A 327 -7.75 2.60 -22.23
N ILE A 328 -7.54 3.79 -21.66
CA ILE A 328 -8.25 4.20 -20.45
C ILE A 328 -9.16 5.36 -20.80
N ARG A 329 -10.33 5.37 -20.17
CA ARG A 329 -11.33 6.41 -20.27
C ARG A 329 -11.56 7.01 -18.89
N PRO A 330 -12.07 8.24 -18.81
CA PRO A 330 -12.22 8.88 -17.50
C PRO A 330 -13.16 8.11 -16.59
N PHE A 331 -12.61 7.63 -15.48
CA PHE A 331 -13.42 7.17 -14.36
C PHE A 331 -13.90 8.39 -13.57
N VAL A 332 -14.84 8.14 -12.67
CA VAL A 332 -15.44 9.18 -11.85
C VAL A 332 -15.15 8.85 -10.39
N TRP A 333 -14.47 9.77 -9.70
CA TRP A 333 -14.23 9.67 -8.28
C TRP A 333 -15.35 10.37 -7.51
N GLU A 334 -15.49 10.04 -6.24
CA GLU A 334 -16.50 10.67 -5.39
C GLU A 334 -15.96 10.77 -3.97
N LYS A 335 -16.26 11.88 -3.32
CA LYS A 335 -15.76 12.16 -1.98
C LYS A 335 -16.83 11.76 -0.97
N ILE A 336 -16.42 10.97 0.03
CA ILE A 336 -17.30 10.51 1.09
C ILE A 336 -16.89 11.21 2.37
N VAL A 337 -17.86 11.83 3.03
CA VAL A 337 -17.69 12.37 4.37
C VAL A 337 -18.67 11.65 5.28
N TYR A 338 -18.33 11.56 6.55
CA TYR A 338 -19.17 10.88 7.53
C TYR A 338 -19.82 11.93 8.42
N THR A 339 -21.15 11.94 8.41
CA THR A 339 -21.92 12.92 9.16
C THR A 339 -22.50 12.28 10.43
N TYR A 340 -22.41 13.02 11.53
CA TYR A 340 -22.89 12.53 12.82
C TYR A 340 -24.41 12.43 12.89
N ASP A 341 -25.14 13.12 12.00
CA ASP A 341 -26.60 13.05 12.02
C ASP A 341 -27.04 11.59 11.97
N SER A 342 -28.11 11.25 12.70
CA SER A 342 -28.98 12.14 13.46
C SER A 342 -28.37 12.38 14.84
N GLU A 343 -29.12 12.98 15.76
CA GLU A 343 -28.61 13.21 17.12
C GLU A 343 -28.72 11.88 17.87
N ARG A 344 -28.05 10.91 17.25
CA ARG A 344 -27.93 9.52 17.66
C ARG A 344 -26.45 9.20 17.47
N GLU A 345 -25.95 8.20 18.21
CA GLU A 345 -24.51 8.00 18.27
C GLU A 345 -24.00 7.22 17.07
N GLU A 346 -24.80 7.15 16.02
CA GLU A 346 -24.43 6.49 14.78
C GLU A 346 -24.12 7.55 13.73
N ILE A 347 -22.98 7.42 13.10
CA ILE A 347 -22.60 8.24 11.98
C ILE A 347 -23.12 7.57 10.71
N LYS A 348 -23.26 8.35 9.64
CA LYS A 348 -23.73 7.79 8.39
C LYS A 348 -22.97 8.44 7.25
N PRO A 349 -22.62 7.66 6.22
CA PRO A 349 -21.83 8.23 5.13
C PRO A 349 -22.69 9.10 4.23
N GLN A 350 -22.01 9.99 3.51
CA GLN A 350 -22.64 10.90 2.58
C GLN A 350 -21.65 11.21 1.47
N VAL A 351 -22.15 11.47 0.27
CA VAL A 351 -21.32 11.86 -0.86
C VAL A 351 -21.58 13.34 -1.13
N VAL A 352 -20.53 14.14 -1.08
CA VAL A 352 -20.63 15.59 -1.16
C VAL A 352 -20.10 16.15 -2.46
N GLY A 353 -19.53 15.32 -3.33
CA GLY A 353 -19.00 15.81 -4.59
C GLY A 353 -18.23 14.75 -5.37
N THR A 354 -18.19 14.89 -6.69
CA THR A 354 -17.46 13.98 -7.56
C THR A 354 -16.25 14.68 -8.17
N PHE A 355 -15.38 13.85 -8.76
CA PHE A 355 -14.18 14.30 -9.48
C PHE A 355 -14.01 13.38 -10.69
N ARG A 356 -14.53 13.80 -11.84
CA ARG A 356 -14.41 13.00 -13.05
C ARG A 356 -13.13 13.40 -13.78
N GLN A 357 -12.21 12.44 -13.91
CA GLN A 357 -10.93 12.68 -14.56
C GLN A 357 -10.42 11.36 -15.12
N VAL A 358 -9.50 11.44 -16.08
CA VAL A 358 -8.88 10.21 -16.57
C VAL A 358 -8.02 9.61 -15.46
N PRO A 359 -8.10 8.29 -15.20
CA PRO A 359 -7.41 7.68 -14.05
C PRO A 359 -5.92 7.51 -14.27
N VAL A 360 -5.24 8.63 -14.47
CA VAL A 360 -3.83 8.64 -14.84
C VAL A 360 -3.15 9.80 -14.15
N ARG A 361 -1.92 9.58 -13.69
CA ARG A 361 -1.05 10.67 -13.27
C ARG A 361 0.37 10.36 -13.74
N LEU A 362 1.16 11.41 -13.96
CA LEU A 362 2.53 11.21 -14.39
C LEU A 362 3.31 10.51 -13.28
N ALA A 363 4.32 9.73 -13.68
CA ALA A 363 5.04 8.91 -12.72
C ALA A 363 6.55 8.99 -12.92
N TRP A 364 7.06 10.10 -13.46
CA TRP A 364 8.48 10.39 -13.36
C TRP A 364 8.88 10.48 -11.88
N ALA A 365 8.03 11.13 -11.07
CA ALA A 365 8.16 11.21 -9.63
C ALA A 365 6.93 10.57 -8.99
N LEU A 366 7.14 9.82 -7.91
CA LEU A 366 6.04 9.12 -7.25
C LEU A 366 6.01 9.45 -5.77
N THR A 367 4.84 9.22 -5.18
CA THR A 367 4.70 9.31 -3.74
C THR A 367 5.41 8.13 -3.09
N VAL A 368 5.63 8.22 -1.79
CA VAL A 368 6.31 7.13 -1.09
C VAL A 368 5.34 6.01 -0.80
N HIS A 369 4.06 6.33 -0.57
CA HIS A 369 3.07 5.30 -0.30
C HIS A 369 2.92 4.33 -1.46
N LYS A 370 3.02 4.83 -2.70
CA LYS A 370 2.98 3.98 -3.88
C LYS A 370 4.32 3.32 -4.17
N ALA A 371 5.36 3.57 -3.37
CA ALA A 371 6.64 2.93 -3.55
C ALA A 371 6.89 1.78 -2.58
N GLN A 372 6.07 1.65 -1.53
CA GLN A 372 6.34 0.63 -0.53
C GLN A 372 6.11 -0.75 -1.12
N GLY A 373 7.12 -1.61 -1.00
CA GLY A 373 7.07 -2.96 -1.52
C GLY A 373 7.91 -3.18 -2.76
N LEU A 374 8.32 -2.11 -3.43
CA LEU A 374 8.98 -2.22 -4.72
C LEU A 374 10.49 -2.21 -4.57
N THR A 375 11.16 -2.95 -5.44
CA THR A 375 12.61 -2.89 -5.58
C THR A 375 12.92 -2.02 -6.80
N LEU A 376 13.60 -0.91 -6.58
CA LEU A 376 13.88 0.08 -7.61
C LEU A 376 15.37 0.12 -7.91
N ASP A 377 15.69 0.44 -9.17
CA ASP A 377 17.08 0.50 -9.60
C ASP A 377 17.80 1.72 -9.04
N LYS A 378 17.13 2.87 -9.02
CA LYS A 378 17.77 4.12 -8.60
C LYS A 378 16.69 5.07 -8.10
N VAL A 379 16.92 5.68 -6.94
CA VAL A 379 15.92 6.49 -6.26
C VAL A 379 16.56 7.80 -5.81
N HIS A 380 15.82 8.89 -6.01
CA HIS A 380 16.15 10.20 -5.46
C HIS A 380 14.97 10.63 -4.59
N LEU A 381 15.26 11.03 -3.36
CA LEU A 381 14.21 11.40 -2.41
C LEU A 381 14.18 12.93 -2.34
N GLU A 382 13.07 13.52 -2.78
CA GLU A 382 12.89 14.96 -2.79
C GLU A 382 11.95 15.30 -1.63
N LEU A 383 12.51 15.84 -0.56
CA LEU A 383 11.74 16.23 0.61
C LEU A 383 11.09 17.58 0.33
N GLY A 384 9.77 17.64 0.42
CA GLY A 384 9.06 18.87 0.14
C GLY A 384 8.81 19.59 1.44
N ARG A 385 7.57 19.66 1.89
CA ARG A 385 7.37 20.22 3.22
C ARG A 385 7.84 19.25 4.32
N GLY A 386 8.29 18.04 3.98
CA GLY A 386 8.85 17.14 4.96
C GLY A 386 8.10 15.82 5.04
N LEU A 387 8.54 14.99 5.98
CA LEU A 387 7.89 13.72 6.29
C LEU A 387 6.81 13.92 7.34
N PHE A 388 5.64 13.30 7.12
CA PHE A 388 4.50 13.46 8.00
C PHE A 388 3.91 12.13 8.49
N ALA A 389 4.31 11.00 7.92
CA ALA A 389 3.78 9.71 8.31
C ALA A 389 4.85 8.88 8.99
N HIS A 390 4.41 7.84 9.69
CA HIS A 390 5.32 6.96 10.44
C HIS A 390 5.88 5.88 9.52
N GLY A 391 7.20 5.70 9.56
CA GLY A 391 7.90 4.80 8.67
C GLY A 391 8.04 5.30 7.25
N GLN A 392 7.64 6.55 6.98
CA GLN A 392 7.73 7.10 5.63
C GLN A 392 9.17 7.28 5.18
N LEU A 393 10.08 7.64 6.09
CA LEU A 393 11.47 7.83 5.69
C LEU A 393 12.16 6.49 5.48
N TYR A 394 11.89 5.52 6.36
CA TYR A 394 12.52 4.22 6.24
C TYR A 394 12.13 3.52 4.94
N VAL A 395 10.91 3.77 4.47
CA VAL A 395 10.45 3.14 3.22
C VAL A 395 11.15 3.75 2.02
N ALA A 396 11.33 5.07 2.03
CA ALA A 396 11.94 5.76 0.89
C ALA A 396 13.42 5.45 0.75
N LEU A 397 14.09 5.03 1.81
CA LEU A 397 15.52 4.77 1.78
C LEU A 397 15.86 3.32 1.47
N THR A 398 14.87 2.43 1.53
CA THR A 398 15.10 0.99 1.40
C THR A 398 14.64 0.43 0.07
N ARG A 399 14.25 1.28 -0.87
CA ARG A 399 13.81 0.80 -2.18
C ARG A 399 14.98 0.39 -3.08
N VAL A 400 16.21 0.75 -2.73
CA VAL A 400 17.37 0.50 -3.57
C VAL A 400 18.20 -0.62 -2.95
N ARG A 401 19.11 -1.16 -3.75
CA ARG A 401 19.99 -2.24 -3.29
C ARG A 401 21.34 -1.75 -2.84
N ARG A 402 21.86 -0.70 -3.46
CA ARG A 402 23.12 -0.07 -3.06
C ARG A 402 22.81 1.36 -2.64
N LEU A 403 23.57 1.86 -1.65
CA LEU A 403 23.51 3.29 -1.35
C LEU A 403 23.75 4.10 -2.61
N GLN A 404 24.70 3.65 -3.43
CA GLN A 404 25.05 4.30 -4.68
C GLN A 404 23.81 4.69 -5.47
N ASP A 405 22.73 3.92 -5.33
CA ASP A 405 21.50 4.16 -6.07
C ASP A 405 20.54 5.12 -5.37
N LEU A 406 20.79 5.47 -4.11
CA LEU A 406 19.91 6.37 -3.36
C LEU A 406 20.46 7.79 -3.42
N SER A 407 19.54 8.77 -3.51
CA SER A 407 19.89 10.17 -3.51
C SER A 407 18.92 10.95 -2.64
N LEU A 408 19.46 11.92 -1.90
CA LEU A 408 18.66 12.83 -1.08
C LEU A 408 18.75 14.25 -1.63
N SER A 409 17.66 14.99 -1.50
CA SER A 409 17.70 16.41 -1.86
C SER A 409 18.36 17.22 -0.76
N ARG A 410 17.81 17.15 0.45
CA ARG A 410 18.36 17.84 1.61
C ARG A 410 18.86 16.82 2.63
N PRO A 411 19.69 17.24 3.59
CA PRO A 411 19.97 16.37 4.74
C PRO A 411 18.75 16.26 5.65
N ILE A 412 18.42 15.02 6.02
CA ILE A 412 17.30 14.77 6.92
C ILE A 412 17.58 15.36 8.29
N ALA A 413 16.58 15.96 8.88
CA ALA A 413 16.68 16.29 10.30
C ALA A 413 16.07 15.15 11.12
N PRO A 414 16.59 14.86 12.32
CA PRO A 414 15.89 13.90 13.19
C PRO A 414 14.43 14.29 13.36
N THR A 415 14.11 15.54 13.02
CA THR A 415 12.74 16.04 12.98
C THR A 415 11.80 15.09 12.26
N GLU A 416 12.31 14.35 11.27
CA GLU A 416 11.50 13.55 10.38
C GLU A 416 11.47 12.08 10.76
N LEU A 417 12.04 11.72 11.91
CA LEU A 417 12.04 10.34 12.39
C LEU A 417 10.83 10.12 13.31
N LEU A 418 9.65 10.15 12.68
CA LEU A 418 8.41 9.91 13.40
C LEU A 418 8.36 8.46 13.89
N TRP A 419 7.49 8.21 14.86
CA TRP A 419 7.33 6.88 15.41
C TRP A 419 6.06 6.83 16.24
N ARG A 420 5.29 5.76 16.07
CA ARG A 420 4.07 5.54 16.83
C ARG A 420 4.38 4.68 18.06
N PRO A 421 3.70 4.95 19.19
CA PRO A 421 3.92 4.12 20.38
C PRO A 421 3.18 2.79 20.29
N GLU A 422 2.09 2.74 19.52
CA GLU A 422 1.37 1.48 19.36
C GLU A 422 2.25 0.43 18.69
N VAL A 423 3.20 0.87 17.86
CA VAL A 423 4.05 -0.07 17.14
C VAL A 423 5.09 -0.68 18.07
N GLU A 424 5.68 0.12 18.97
CA GLU A 424 6.71 -0.41 19.87
C GLU A 424 6.13 -1.46 20.82
N VAL A 425 4.91 -1.25 21.30
CA VAL A 425 4.29 -2.25 22.18
C VAL A 425 4.04 -3.54 21.40
N PHE A 426 3.65 -3.44 20.13
CA PHE A 426 3.51 -4.62 19.29
C PHE A 426 4.85 -5.29 19.07
N GLU A 427 5.83 -4.55 18.53
CA GLU A 427 7.14 -5.13 18.25
C GLU A 427 7.80 -5.69 19.50
N THR A 428 7.38 -5.24 20.68
CA THR A 428 7.94 -5.74 21.94
C THR A 428 7.21 -6.98 22.43
N ARG A 429 5.91 -7.05 22.24
CA ARG A 429 5.14 -8.20 22.73
C ARG A 429 5.20 -9.38 21.77
N ILE A 430 5.58 -9.15 20.49
CA ILE A 430 5.79 -10.25 19.57
C ILE A 430 7.21 -10.80 19.63
N GLN A 431 8.07 -10.26 20.50
CA GLN A 431 9.38 -10.87 20.72
C GLN A 431 9.23 -12.26 21.30
N GLU A 432 8.08 -12.55 21.91
CA GLU A 432 7.77 -13.85 22.47
C GLU A 432 7.42 -14.86 21.39
N GLY A 433 7.03 -14.39 20.21
CA GLY A 433 6.65 -15.26 19.10
C GLY A 433 5.16 -15.25 18.81
N ILE A 434 4.36 -14.58 19.63
CA ILE A 434 2.90 -14.63 19.53
C ILE A 434 2.35 -13.23 19.76
N TRP A 435 1.16 -13.00 19.22
CA TRP A 435 0.37 -11.81 19.57
C TRP A 435 -1.08 -12.22 19.77
N GLN A 436 -1.56 -12.05 21.00
CA GLN A 436 -2.98 -12.05 21.32
C GLN A 436 -3.24 -10.77 22.12
N LYS A 437 -4.43 -10.19 21.91
CA LYS A 437 -4.62 -8.79 22.25
C LYS A 437 -4.45 -8.51 23.74
N SER A 438 -3.86 -7.35 24.03
CA SER A 438 -3.73 -6.83 25.37
C SER A 438 -5.08 -6.65 26.05
PB ADP C . 10.49 -7.71 1.02
O1B ADP C . 10.88 -6.26 0.83
O2B ADP C . 10.62 -8.15 2.45
O3B ADP C . 9.18 -8.07 0.35
PA ADP C . 11.45 -8.76 -1.40
O1A ADP C . 10.95 -7.43 -1.92
O2A ADP C . 10.70 -10.04 -1.68
O3A ADP C . 11.58 -8.58 0.20
O5' ADP C . 12.97 -9.01 -1.89
C5' ADP C . 13.77 -7.91 -2.33
C4' ADP C . 14.74 -8.34 -3.43
O4' ADP C . 15.61 -9.31 -2.86
C3' ADP C . 14.10 -8.94 -4.68
O3' ADP C . 14.45 -8.20 -5.84
C2' ADP C . 14.62 -10.37 -4.78
O2' ADP C . 15.15 -10.70 -6.05
C1' ADP C . 15.74 -10.43 -3.74
N9 ADP C . 15.71 -11.68 -2.98
C8 ADP C . 14.85 -12.04 -2.00
N7 ADP C . 15.17 -13.28 -1.54
C5 ADP C . 16.24 -13.71 -2.23
C6 ADP C . 17.09 -14.93 -2.27
N6 ADP C . 16.85 -15.96 -1.43
N1 ADP C . 18.11 -14.96 -3.15
C2 ADP C . 18.38 -13.95 -3.99
N3 ADP C . 17.64 -12.82 -4.01
C4 ADP C . 16.59 -12.65 -3.17
H5'1 ADP C . 13.12 -7.11 -2.70
H5'2 ADP C . 14.33 -7.51 -1.48
H4' ADP C . 15.25 -7.43 -3.77
H3' ADP C . 13.00 -8.92 -4.62
HO3' ADP C . 14.07 -8.61 -6.62
H2' ADP C . 13.80 -11.09 -4.62
HO2' ADP C . 15.71 -9.98 -6.37
H1' ADP C . 16.69 -10.39 -4.28
H8 ADP C . 14.04 -11.43 -1.63
HN61 ADP C . 16.09 -15.92 -0.77
HN62 ADP C . 17.44 -16.78 -1.46
H2 ADP C . 19.21 -14.03 -4.67
MG MG D . 7.09 -6.83 -0.49
MG MF4 E . 8.98 -4.37 1.51
F1 MF4 E . 8.10 -5.57 0.50
F2 MF4 E . 7.98 -2.90 1.67
F3 MF4 E . 9.22 -4.90 3.19
F4 MF4 E . 10.54 -3.77 0.86
#